data_8OMJ
#
_entry.id   8OMJ
#
_cell.length_a   82.433
_cell.length_b   83.379
_cell.length_c   137.361
_cell.angle_alpha   90
_cell.angle_beta   90
_cell.angle_gamma   90
#
_symmetry.space_group_name_H-M   'P 21 21 21'
#
loop_
_entity.id
_entity.type
_entity.pdbx_description
1 polymer Ketohexokinase
2 non-polymer '[3-[[6-[(3~{a}~{R},6~{a}~{S})-2,3,3~{a},4,6,6~{a}-hexahydro-1~{H}-pyrrolo[3,4-c]pyrrol-5-yl]-3-cyano-4-(trifluoromethyl)pyridin-2-yl]amino]-4-methylsulfanyl-phenyl]methoxy-methyl-phosphinic acid'
3 non-polymer 'SULFATE ION'
4 water water
#
_entity_poly.entity_id   1
_entity_poly.type   'polypeptide(L)'
_entity_poly.pdbx_seq_one_letter_code
;MGSSHHHHHHSSGLVPRGSQILCVGLVVLDVISLVDKYPKEDSEIRCLSQRWQRGGNASNSCTVLSLLGAPCAFMGSMAP
GHVADFLVADFRRRGVDVSQVAWQSKGDTPSSCCIINNSNGNRTIVLHDTSLPDVSATDFEKVDLTQFKWIHIEGRNASE
QVKMLQRIDAHNTRQPPEQKIRVSVEVEKPREELFQLFGYGDVVFVSKDVAKHLGFQSAEEALRGLYGRVRKGAVLVCAW
AEEGADALGPDGKLLHSDAFPPPRVVDTLGAGDTFNASVIFSLSQGRSVQEALRFGCQVAGKKCGLQGFDGIV
;
_entity_poly.pdbx_strand_id   A,B
#
# COMPACT_ATOMS: atom_id res chain seq x y z
N PRO A 16 -29.13 -19.65 -14.17
CA PRO A 16 -29.74 -20.09 -15.44
C PRO A 16 -28.70 -20.51 -16.47
N ARG A 17 -29.02 -21.57 -17.24
CA ARG A 17 -28.13 -22.11 -18.25
C ARG A 17 -27.84 -21.09 -19.37
N GLY A 18 -26.55 -20.92 -19.66
CA GLY A 18 -26.06 -20.01 -20.69
C GLY A 18 -26.33 -18.55 -20.41
N SER A 19 -26.18 -18.14 -19.14
CA SER A 19 -26.44 -16.75 -18.78
C SER A 19 -25.24 -15.93 -18.34
N GLN A 20 -24.17 -16.58 -17.84
CA GLN A 20 -22.99 -15.91 -17.27
C GLN A 20 -21.79 -15.78 -18.19
N ILE A 21 -20.92 -14.77 -17.91
CA ILE A 21 -19.66 -14.55 -18.62
C ILE A 21 -18.55 -14.88 -17.60
N LEU A 22 -17.66 -15.81 -17.93
CA LEU A 22 -16.58 -16.20 -17.03
C LEU A 22 -15.25 -15.56 -17.43
N CYS A 23 -14.49 -15.04 -16.44
CA CYS A 23 -13.18 -14.49 -16.69
C CYS A 23 -12.20 -15.28 -15.86
N VAL A 24 -11.23 -15.92 -16.52
CA VAL A 24 -10.21 -16.71 -15.87
C VAL A 24 -8.90 -15.89 -15.87
N GLY A 25 -8.35 -15.60 -14.69
CA GLY A 25 -7.13 -14.82 -14.59
C GLY A 25 -6.67 -14.45 -13.19
N LEU A 26 -6.08 -13.27 -13.06
CA LEU A 26 -5.50 -12.79 -11.80
C LEU A 26 -6.35 -11.82 -10.97
N VAL A 27 -6.15 -11.82 -9.65
CA VAL A 27 -6.76 -10.90 -8.69
C VAL A 27 -5.65 -10.44 -7.76
N VAL A 28 -5.49 -9.13 -7.63
CA VAL A 28 -4.41 -8.52 -6.87
C VAL A 28 -4.99 -7.37 -6.03
N LEU A 29 -4.45 -7.15 -4.82
CA LEU A 29 -4.89 -6.05 -3.98
C LEU A 29 -3.99 -4.87 -4.31
N ASP A 30 -4.55 -3.80 -4.88
CA ASP A 30 -3.74 -2.64 -5.26
C ASP A 30 -3.81 -1.53 -4.24
N VAL A 31 -2.68 -1.21 -3.60
CA VAL A 31 -2.63 -0.08 -2.68
C VAL A 31 -2.17 1.10 -3.53
N ILE A 32 -3.09 2.04 -3.77
CA ILE A 32 -2.93 3.16 -4.69
C ILE A 32 -2.64 4.47 -4.02
N SER A 33 -1.73 5.23 -4.59
CA SER A 33 -1.45 6.58 -4.15
C SER A 33 -1.63 7.47 -5.37
N LEU A 34 -2.44 8.53 -5.24
CA LEU A 34 -2.68 9.48 -6.32
C LEU A 34 -1.72 10.64 -6.12
N VAL A 35 -0.86 10.94 -7.11
CA VAL A 35 0.13 12.01 -6.97
C VAL A 35 -0.04 13.15 -8.00
N ASP A 36 0.45 14.34 -7.70
CA ASP A 36 0.42 15.47 -8.63
C ASP A 36 1.47 15.24 -9.71
N LYS A 37 2.69 14.84 -9.31
CA LYS A 37 3.82 14.59 -10.20
C LYS A 37 4.53 13.29 -9.85
N TYR A 38 5.09 12.59 -10.85
CA TYR A 38 5.79 11.33 -10.57
C TYR A 38 7.06 11.61 -9.79
N PRO A 39 7.26 10.90 -8.65
CA PRO A 39 8.44 11.17 -7.83
C PRO A 39 9.75 10.83 -8.49
N LYS A 40 10.72 11.76 -8.38
CA LYS A 40 12.08 11.55 -8.87
C LYS A 40 12.73 10.52 -7.94
N GLU A 41 13.69 9.72 -8.46
CA GLU A 41 14.33 8.70 -7.61
C GLU A 41 15.06 9.35 -6.45
N ASP A 42 14.91 8.78 -5.25
CA ASP A 42 15.51 9.25 -4.00
C ASP A 42 14.89 10.56 -3.49
N SER A 43 13.63 10.81 -3.82
CA SER A 43 12.92 11.99 -3.35
C SER A 43 11.75 11.61 -2.40
N GLU A 44 11.16 12.59 -1.73
CA GLU A 44 10.07 12.37 -0.80
C GLU A 44 8.93 13.32 -1.18
N ILE A 45 7.85 12.76 -1.74
CA ILE A 45 6.69 13.56 -2.12
C ILE A 45 5.46 13.15 -1.30
N ARG A 46 4.46 14.02 -1.23
CA ARG A 46 3.23 13.74 -0.49
C ARG A 46 2.12 13.47 -1.49
N CYS A 47 1.31 12.43 -1.26
CA CYS A 47 0.22 12.11 -2.19
C CYS A 47 -1.06 12.91 -1.93
N LEU A 48 -1.93 13.02 -2.94
CA LEU A 48 -3.20 13.70 -2.86
C LEU A 48 -4.20 12.85 -2.07
N SER A 49 -4.24 11.53 -2.35
CA SER A 49 -5.14 10.59 -1.70
C SER A 49 -4.66 9.14 -1.83
N GLN A 50 -5.18 8.25 -0.96
CA GLN A 50 -4.85 6.84 -0.95
C GLN A 50 -6.11 5.98 -1.17
N ARG A 51 -5.94 4.78 -1.74
CA ARG A 51 -7.05 3.86 -2.02
C ARG A 51 -6.64 2.40 -1.93
N TRP A 52 -7.60 1.52 -1.66
CA TRP A 52 -7.39 0.09 -1.78
C TRP A 52 -8.37 -0.32 -2.87
N GLN A 53 -7.86 -0.92 -3.94
CA GLN A 53 -8.71 -1.37 -5.03
C GLN A 53 -8.46 -2.83 -5.33
N ARG A 54 -9.53 -3.55 -5.66
CA ARG A 54 -9.38 -4.92 -6.12
C ARG A 54 -8.97 -4.78 -7.60
N GLY A 55 -7.85 -5.36 -7.95
CA GLY A 55 -7.32 -5.27 -9.31
C GLY A 55 -7.06 -6.62 -9.94
N GLY A 56 -6.18 -6.65 -10.94
CA GLY A 56 -5.88 -7.88 -11.69
C GLY A 56 -6.71 -7.89 -12.96
N ASN A 57 -6.16 -8.41 -14.07
CA ASN A 57 -6.82 -8.38 -15.39
C ASN A 57 -8.25 -8.94 -15.40
N ALA A 58 -8.43 -10.23 -15.14
CA ALA A 58 -9.75 -10.86 -15.18
C ALA A 58 -10.69 -10.31 -14.12
N SER A 59 -10.15 -10.00 -12.94
CA SER A 59 -10.88 -9.43 -11.81
C SER A 59 -11.44 -8.05 -12.19
N ASN A 60 -10.65 -7.22 -12.89
CA ASN A 60 -11.09 -5.90 -13.32
C ASN A 60 -12.16 -6.02 -14.39
N SER A 61 -12.01 -6.99 -15.32
CA SER A 61 -13.01 -7.25 -16.37
C SER A 61 -14.34 -7.66 -15.77
N CYS A 62 -14.32 -8.46 -14.68
CA CYS A 62 -15.52 -8.85 -13.95
C CYS A 62 -16.22 -7.62 -13.37
N THR A 63 -15.46 -6.65 -12.83
CA THR A 63 -16.04 -5.44 -12.27
C THR A 63 -16.82 -4.67 -13.33
N VAL A 64 -16.21 -4.48 -14.50
CA VAL A 64 -16.78 -3.78 -15.62
C VAL A 64 -18.00 -4.50 -16.14
N LEU A 65 -17.92 -5.83 -16.31
CA LEU A 65 -19.07 -6.63 -16.73
C LEU A 65 -20.27 -6.48 -15.78
N SER A 66 -20.02 -6.43 -14.44
CA SER A 66 -21.12 -6.28 -13.50
C SER A 66 -21.72 -4.88 -13.57
N LEU A 67 -20.89 -3.86 -13.81
CA LEU A 67 -21.37 -2.48 -13.96
C LEU A 67 -22.19 -2.29 -15.24
N LEU A 68 -21.82 -3.04 -16.29
CA LEU A 68 -22.56 -3.03 -17.56
C LEU A 68 -23.92 -3.77 -17.48
N GLY A 69 -24.14 -4.53 -16.41
CA GLY A 69 -25.38 -5.26 -16.21
C GLY A 69 -25.32 -6.72 -16.60
N ALA A 70 -24.11 -7.25 -16.88
CA ALA A 70 -23.91 -8.65 -17.25
C ALA A 70 -23.62 -9.52 -16.04
N PRO A 71 -24.36 -10.62 -15.87
CA PRO A 71 -24.03 -11.55 -14.78
C PRO A 71 -22.69 -12.18 -15.10
N CYS A 72 -21.75 -12.18 -14.13
CA CYS A 72 -20.41 -12.68 -14.41
C CYS A 72 -19.79 -13.46 -13.25
N ALA A 73 -18.74 -14.22 -13.56
CA ALA A 73 -18.05 -15.05 -12.57
C ALA A 73 -16.54 -14.96 -12.76
N PHE A 74 -15.78 -15.03 -11.66
CA PHE A 74 -14.32 -14.99 -11.72
C PHE A 74 -13.68 -16.34 -11.36
N MET A 75 -12.64 -16.74 -12.10
CA MET A 75 -11.91 -17.95 -11.79
C MET A 75 -10.44 -17.60 -11.65
N GLY A 76 -9.91 -17.76 -10.46
CA GLY A 76 -8.51 -17.44 -10.20
C GLY A 76 -7.99 -17.98 -8.89
N SER A 77 -6.66 -18.00 -8.74
CA SER A 77 -6.05 -18.51 -7.51
C SER A 77 -6.01 -17.47 -6.42
N MET A 78 -6.35 -17.87 -5.19
CA MET A 78 -6.32 -17.03 -3.98
C MET A 78 -5.89 -17.90 -2.79
N ALA A 79 -5.26 -17.29 -1.78
CA ALA A 79 -4.86 -18.04 -0.58
C ALA A 79 -5.54 -17.45 0.64
N PRO A 80 -6.01 -18.30 1.56
CA PRO A 80 -6.69 -17.77 2.75
C PRO A 80 -5.89 -16.70 3.52
N GLY A 81 -6.57 -15.66 3.96
CA GLY A 81 -5.93 -14.58 4.69
C GLY A 81 -6.67 -13.26 4.59
N HIS A 82 -6.17 -12.22 5.29
CA HIS A 82 -6.80 -10.91 5.30
C HIS A 82 -6.75 -10.19 3.93
N VAL A 83 -5.72 -10.46 3.09
CA VAL A 83 -5.68 -9.87 1.75
C VAL A 83 -6.84 -10.46 0.90
N ALA A 84 -7.00 -11.79 0.94
CA ALA A 84 -8.08 -12.45 0.22
C ALA A 84 -9.44 -12.06 0.77
N ASP A 85 -9.53 -11.87 2.09
CA ASP A 85 -10.78 -11.47 2.73
C ASP A 85 -11.29 -10.12 2.20
N PHE A 86 -10.37 -9.17 1.98
CA PHE A 86 -10.73 -7.87 1.41
C PHE A 86 -11.24 -8.04 -0.02
N LEU A 87 -10.48 -8.83 -0.83
CA LEU A 87 -10.76 -9.05 -2.24
C LEU A 87 -12.08 -9.75 -2.48
N VAL A 88 -12.36 -10.77 -1.68
CA VAL A 88 -13.59 -11.54 -1.77
C VAL A 88 -14.81 -10.67 -1.44
N ALA A 89 -14.69 -9.88 -0.37
CA ALA A 89 -15.77 -8.96 0.03
C ALA A 89 -16.05 -7.91 -1.07
N ASP A 90 -15.00 -7.48 -1.82
CA ASP A 90 -15.14 -6.51 -2.90
C ASP A 90 -15.77 -7.15 -4.11
N PHE A 91 -15.44 -8.43 -4.40
CA PHE A 91 -16.05 -9.16 -5.51
C PHE A 91 -17.56 -9.27 -5.26
N ARG A 92 -17.94 -9.59 -4.01
CA ARG A 92 -19.34 -9.74 -3.60
C ARG A 92 -20.06 -8.40 -3.62
N ARG A 93 -19.38 -7.32 -3.23
CA ARG A 93 -19.92 -5.96 -3.27
C ARG A 93 -20.34 -5.57 -4.70
N ARG A 94 -19.60 -6.10 -5.71
CA ARG A 94 -19.85 -5.87 -7.12
C ARG A 94 -20.68 -6.99 -7.78
N GLY A 95 -21.28 -7.88 -6.99
CA GLY A 95 -22.10 -8.97 -7.49
C GLY A 95 -21.38 -9.97 -8.38
N VAL A 96 -20.06 -10.13 -8.18
CA VAL A 96 -19.26 -11.06 -8.98
C VAL A 96 -19.27 -12.41 -8.30
N ASP A 97 -19.57 -13.47 -9.08
CA ASP A 97 -19.62 -14.84 -8.60
C ASP A 97 -18.21 -15.33 -8.35
N VAL A 98 -17.90 -15.72 -7.10
CA VAL A 98 -16.59 -16.25 -6.69
C VAL A 98 -16.59 -17.75 -6.39
N SER A 99 -17.66 -18.47 -6.76
CA SER A 99 -17.74 -19.90 -6.47
C SER A 99 -16.65 -20.74 -7.15
N GLN A 100 -16.09 -20.27 -8.28
CA GLN A 100 -15.09 -21.04 -9.01
C GLN A 100 -13.65 -20.69 -8.66
N VAL A 101 -13.41 -19.92 -7.58
CA VAL A 101 -12.05 -19.55 -7.16
C VAL A 101 -11.26 -20.77 -6.71
N ALA A 102 -10.02 -20.91 -7.20
CA ALA A 102 -9.15 -22.00 -6.80
C ALA A 102 -8.41 -21.58 -5.53
N TRP A 103 -8.85 -22.10 -4.36
CA TRP A 103 -8.21 -21.76 -3.10
C TRP A 103 -6.94 -22.57 -2.93
N GLN A 104 -5.83 -21.91 -2.53
CA GLN A 104 -4.53 -22.54 -2.40
C GLN A 104 -4.09 -22.71 -0.95
N SER A 105 -3.57 -23.89 -0.61
CA SER A 105 -3.08 -24.16 0.75
C SER A 105 -1.72 -23.48 1.03
N LYS A 106 -0.91 -23.30 -0.04
CA LYS A 106 0.40 -22.67 0.05
C LYS A 106 0.54 -21.46 -0.90
N GLY A 107 1.17 -20.41 -0.40
CA GLY A 107 1.39 -19.18 -1.15
C GLY A 107 0.70 -17.97 -0.57
N ASP A 108 0.89 -16.79 -1.20
CA ASP A 108 0.23 -15.58 -0.73
C ASP A 108 -0.65 -14.97 -1.82
N THR A 109 -1.70 -14.26 -1.41
CA THR A 109 -2.59 -13.60 -2.35
C THR A 109 -1.85 -12.35 -2.82
N PRO A 110 -1.75 -12.16 -4.14
CA PRO A 110 -0.98 -11.01 -4.66
C PRO A 110 -1.46 -9.62 -4.22
N SER A 111 -0.49 -8.73 -4.07
CA SER A 111 -0.68 -7.34 -3.67
C SER A 111 0.36 -6.45 -4.37
N SER A 112 0.00 -5.21 -4.70
CA SER A 112 0.90 -4.31 -5.41
C SER A 112 0.79 -2.87 -4.91
N CYS A 113 1.76 -2.06 -5.29
CA CYS A 113 1.81 -0.64 -5.00
C CYS A 113 1.60 0.06 -6.32
N CYS A 114 0.57 0.90 -6.41
CA CYS A 114 0.27 1.59 -7.65
C CYS A 114 0.44 3.10 -7.44
N ILE A 115 1.26 3.73 -8.26
CA ILE A 115 1.42 5.18 -8.19
C ILE A 115 0.70 5.77 -9.40
N ILE A 116 -0.41 6.48 -9.17
CA ILE A 116 -1.16 7.06 -10.27
C ILE A 116 -0.90 8.56 -10.38
N ASN A 117 -0.36 9.00 -11.52
CA ASN A 117 -0.09 10.42 -11.74
C ASN A 117 -1.40 11.08 -12.14
N ASN A 118 -1.90 12.00 -11.29
CA ASN A 118 -3.16 12.71 -11.49
C ASN A 118 -3.14 13.65 -12.68
N SER A 119 -1.96 14.18 -13.02
CA SER A 119 -1.84 15.11 -14.14
C SER A 119 -1.92 14.46 -15.54
N ASN A 120 -1.79 13.12 -15.67
CA ASN A 120 -1.83 12.49 -16.99
C ASN A 120 -2.41 11.05 -17.02
N GLY A 121 -2.72 10.51 -15.87
CA GLY A 121 -3.30 9.18 -15.77
C GLY A 121 -2.33 8.04 -15.78
N ASN A 122 -1.03 8.30 -15.93
CA ASN A 122 -0.03 7.22 -15.93
C ASN A 122 -0.08 6.38 -14.67
N ARG A 123 0.13 5.08 -14.81
CA ARG A 123 0.09 4.18 -13.65
C ARG A 123 1.38 3.36 -13.52
N THR A 124 2.16 3.59 -12.44
CA THR A 124 3.39 2.82 -12.19
C THR A 124 3.06 1.72 -11.21
N ILE A 125 3.41 0.48 -11.52
CA ILE A 125 3.06 -0.66 -10.65
C ILE A 125 4.24 -1.48 -10.13
N VAL A 126 4.35 -1.61 -8.81
CA VAL A 126 5.36 -2.47 -8.20
C VAL A 126 4.63 -3.71 -7.70
N LEU A 127 4.59 -4.76 -8.52
CA LEU A 127 3.86 -5.98 -8.14
C LEU A 127 4.62 -6.84 -7.16
N HIS A 128 3.90 -7.47 -6.23
CA HIS A 128 4.48 -8.41 -5.29
C HIS A 128 3.99 -9.76 -5.76
N ASP A 129 4.72 -10.40 -6.67
CA ASP A 129 4.34 -11.73 -7.14
C ASP A 129 4.65 -12.70 -5.99
N THR A 130 3.72 -13.61 -5.72
CA THR A 130 3.86 -14.52 -4.61
C THR A 130 4.03 -15.98 -5.11
N SER A 131 4.23 -16.93 -4.16
CA SER A 131 4.40 -18.34 -4.49
C SER A 131 3.17 -18.97 -5.18
N LEU A 132 1.99 -18.33 -5.05
CA LEU A 132 0.67 -18.77 -5.49
C LEU A 132 0.61 -19.49 -6.83
N PRO A 133 0.30 -20.80 -6.79
CA PRO A 133 0.21 -21.59 -8.03
C PRO A 133 -0.88 -21.11 -8.96
N ASP A 134 -0.68 -21.29 -10.27
CA ASP A 134 -1.65 -20.86 -11.26
C ASP A 134 -2.86 -21.78 -11.32
N VAL A 135 -3.97 -21.30 -11.91
CA VAL A 135 -5.17 -22.13 -12.11
C VAL A 135 -4.81 -23.17 -13.16
N SER A 136 -4.97 -24.45 -12.84
CA SER A 136 -4.58 -25.53 -13.74
C SER A 136 -5.75 -26.09 -14.59
N ALA A 137 -5.42 -26.98 -15.54
CA ALA A 137 -6.42 -27.63 -16.36
C ALA A 137 -7.27 -28.57 -15.50
N THR A 138 -6.71 -29.18 -14.43
CA THR A 138 -7.48 -30.05 -13.56
C THR A 138 -8.51 -29.23 -12.75
N ASP A 139 -8.18 -27.98 -12.39
CA ASP A 139 -9.10 -27.07 -11.70
C ASP A 139 -10.25 -26.73 -12.67
N PHE A 140 -9.94 -26.49 -13.95
CA PHE A 140 -10.92 -26.15 -14.97
C PHE A 140 -11.84 -27.32 -15.32
N GLU A 141 -11.32 -28.56 -15.23
CA GLU A 141 -12.06 -29.80 -15.49
C GLU A 141 -13.32 -29.88 -14.59
N LYS A 142 -13.17 -29.44 -13.33
CA LYS A 142 -14.19 -29.45 -12.28
C LYS A 142 -15.28 -28.39 -12.44
N VAL A 143 -15.24 -27.59 -13.50
CA VAL A 143 -16.19 -26.52 -13.74
C VAL A 143 -17.31 -26.94 -14.65
N ASP A 144 -18.58 -26.84 -14.19
CA ASP A 144 -19.73 -27.17 -15.02
C ASP A 144 -19.92 -26.01 -15.95
N LEU A 145 -19.68 -26.23 -17.24
CA LEU A 145 -19.75 -25.18 -18.25
C LEU A 145 -21.15 -24.75 -18.66
N THR A 146 -22.21 -25.48 -18.29
CA THR A 146 -23.58 -25.13 -18.75
C THR A 146 -24.04 -23.71 -18.42
N GLN A 147 -23.64 -23.14 -17.26
CA GLN A 147 -24.08 -21.81 -16.86
C GLN A 147 -23.41 -20.65 -17.61
N PHE A 148 -22.43 -20.93 -18.50
CA PHE A 148 -21.72 -19.85 -19.20
C PHE A 148 -22.07 -19.70 -20.67
N LYS A 149 -22.22 -18.45 -21.12
CA LYS A 149 -22.47 -18.09 -22.53
C LYS A 149 -21.16 -17.66 -23.21
N TRP A 150 -20.23 -17.09 -22.43
CA TRP A 150 -18.93 -16.62 -22.87
C TRP A 150 -17.89 -17.01 -21.82
N ILE A 151 -16.68 -17.39 -22.26
CA ILE A 151 -15.56 -17.67 -21.38
C ILE A 151 -14.37 -16.92 -21.92
N HIS A 152 -13.81 -16.01 -21.10
CA HIS A 152 -12.66 -15.18 -21.43
C HIS A 152 -11.48 -15.65 -20.60
N ILE A 153 -10.36 -15.99 -21.26
CA ILE A 153 -9.16 -16.44 -20.56
C ILE A 153 -8.01 -15.48 -20.79
N GLU A 154 -7.36 -15.07 -19.69
CA GLU A 154 -6.18 -14.19 -19.74
C GLU A 154 -4.94 -15.09 -19.85
N GLY A 155 -4.23 -15.05 -20.98
CA GLY A 155 -3.03 -15.85 -21.21
C GLY A 155 -1.94 -15.73 -20.16
N ARG A 156 -1.59 -16.85 -19.49
CA ARG A 156 -0.57 -16.93 -18.43
C ARG A 156 0.23 -18.25 -18.49
N ASN A 157 -0.32 -19.36 -17.98
CA ASN A 157 0.30 -20.68 -18.05
C ASN A 157 -0.27 -21.39 -19.29
N ALA A 158 0.20 -20.95 -20.47
CA ALA A 158 -0.26 -21.35 -21.81
C ALA A 158 -0.52 -22.84 -22.03
N SER A 159 0.41 -23.76 -21.66
CA SER A 159 0.19 -25.19 -21.89
C SER A 159 -1.03 -25.74 -21.14
N GLU A 160 -1.29 -25.25 -19.91
CA GLU A 160 -2.46 -25.67 -19.14
C GLU A 160 -3.73 -25.07 -19.72
N GLN A 161 -3.66 -23.80 -20.14
CA GLN A 161 -4.78 -23.08 -20.71
C GLN A 161 -5.25 -23.64 -22.05
N VAL A 162 -4.32 -24.22 -22.83
CA VAL A 162 -4.68 -24.84 -24.12
C VAL A 162 -5.62 -26.04 -23.86
N LYS A 163 -5.39 -26.79 -22.77
CA LYS A 163 -6.25 -27.92 -22.40
C LYS A 163 -7.64 -27.43 -22.04
N MET A 164 -7.73 -26.33 -21.30
CA MET A 164 -9.00 -25.71 -20.92
C MET A 164 -9.78 -25.30 -22.16
N LEU A 165 -9.08 -24.72 -23.15
CA LEU A 165 -9.67 -24.29 -24.41
C LEU A 165 -10.15 -25.48 -25.23
N GLN A 166 -9.37 -26.58 -25.23
CA GLN A 166 -9.75 -27.81 -25.91
C GLN A 166 -10.99 -28.41 -25.26
N ARG A 167 -11.12 -28.30 -23.92
CA ARG A 167 -12.30 -28.78 -23.21
C ARG A 167 -13.54 -28.01 -23.68
N ILE A 168 -13.42 -26.67 -23.83
CA ILE A 168 -14.50 -25.85 -24.34
C ILE A 168 -14.84 -26.23 -25.79
N ASP A 169 -13.83 -26.45 -26.65
CA ASP A 169 -14.05 -26.86 -28.04
C ASP A 169 -14.83 -28.17 -28.10
N ALA A 170 -14.44 -29.15 -27.26
CA ALA A 170 -15.10 -30.45 -27.18
C ALA A 170 -16.54 -30.28 -26.73
N HIS A 171 -16.79 -29.41 -25.74
CA HIS A 171 -18.14 -29.15 -25.23
C HIS A 171 -19.02 -28.61 -26.35
N ASN A 172 -18.49 -27.70 -27.18
CA ASN A 172 -19.20 -27.06 -28.27
C ASN A 172 -19.51 -27.99 -29.45
N THR A 173 -18.74 -29.08 -29.63
CA THR A 173 -19.05 -30.03 -30.72
C THR A 173 -20.40 -30.75 -30.49
N ARG A 174 -20.86 -30.83 -29.24
CA ARG A 174 -22.13 -31.47 -28.88
C ARG A 174 -23.32 -30.49 -28.77
N GLN A 175 -23.10 -29.19 -29.05
CA GLN A 175 -24.16 -28.18 -28.92
C GLN A 175 -24.62 -27.63 -30.26
N PRO A 176 -25.91 -27.28 -30.37
CA PRO A 176 -26.37 -26.60 -31.61
C PRO A 176 -25.78 -25.18 -31.69
N PRO A 177 -25.74 -24.57 -32.89
CA PRO A 177 -25.13 -23.24 -33.02
C PRO A 177 -25.54 -22.18 -31.96
N GLU A 178 -26.82 -22.14 -31.58
CA GLU A 178 -27.31 -21.16 -30.61
C GLU A 178 -26.94 -21.48 -29.16
N GLN A 179 -26.36 -22.65 -28.90
CA GLN A 179 -25.95 -23.08 -27.56
C GLN A 179 -24.43 -23.19 -27.38
N LYS A 180 -23.63 -22.80 -28.40
CA LYS A 180 -22.18 -22.85 -28.30
C LYS A 180 -21.66 -21.68 -27.44
N ILE A 181 -20.72 -21.97 -26.53
CA ILE A 181 -20.14 -20.95 -25.65
C ILE A 181 -19.10 -20.17 -26.43
N ARG A 182 -19.26 -18.83 -26.51
CA ARG A 182 -18.29 -18.00 -27.21
C ARG A 182 -17.00 -17.85 -26.38
N VAL A 183 -15.83 -17.90 -27.03
CA VAL A 183 -14.57 -17.86 -26.30
C VAL A 183 -13.68 -16.71 -26.71
N SER A 184 -13.02 -16.09 -25.73
CA SER A 184 -12.05 -15.04 -26.00
C SER A 184 -10.76 -15.25 -25.21
N VAL A 185 -9.63 -14.88 -25.81
CA VAL A 185 -8.32 -15.04 -25.19
C VAL A 185 -7.55 -13.72 -25.30
N GLU A 186 -6.70 -13.43 -24.29
CA GLU A 186 -5.87 -12.23 -24.33
C GLU A 186 -4.39 -12.60 -24.21
N VAL A 187 -3.58 -12.08 -25.13
CA VAL A 187 -2.13 -12.26 -25.11
C VAL A 187 -1.57 -10.87 -24.78
N GLU A 188 -1.34 -10.61 -23.50
CA GLU A 188 -0.92 -9.31 -23.01
C GLU A 188 0.60 -9.22 -22.72
N LYS A 189 1.25 -10.35 -22.43
CA LYS A 189 2.69 -10.37 -22.16
C LYS A 189 3.48 -10.86 -23.37
N PRO A 190 4.65 -10.26 -23.64
CA PRO A 190 5.44 -10.69 -24.81
C PRO A 190 6.30 -11.93 -24.58
N ARG A 191 5.65 -13.06 -24.25
CA ARG A 191 6.34 -14.32 -23.99
C ARG A 191 5.95 -15.35 -25.04
N GLU A 192 6.94 -16.01 -25.66
CA GLU A 192 6.73 -16.97 -26.75
C GLU A 192 5.80 -18.15 -26.42
N GLU A 193 5.71 -18.52 -25.13
CA GLU A 193 4.84 -19.60 -24.67
C GLU A 193 3.37 -19.26 -25.00
N LEU A 194 2.99 -17.99 -24.80
CA LEU A 194 1.63 -17.49 -25.03
C LEU A 194 1.17 -17.47 -26.48
N PHE A 195 2.09 -17.45 -27.44
CA PHE A 195 1.73 -17.30 -28.85
C PHE A 195 0.94 -18.48 -29.43
N GLN A 196 0.91 -19.63 -28.73
CA GLN A 196 0.08 -20.75 -29.17
C GLN A 196 -1.42 -20.49 -28.90
N LEU A 197 -1.73 -19.53 -28.00
CA LEU A 197 -3.10 -19.16 -27.67
C LEU A 197 -3.78 -18.38 -28.80
N PHE A 198 -3.02 -17.78 -29.74
CA PHE A 198 -3.58 -17.05 -30.89
C PHE A 198 -4.54 -17.93 -31.69
N GLY A 199 -4.25 -19.23 -31.75
CA GLY A 199 -5.05 -20.20 -32.49
C GLY A 199 -6.25 -20.75 -31.77
N TYR A 200 -6.64 -20.12 -30.66
CA TYR A 200 -7.81 -20.54 -29.90
C TYR A 200 -8.76 -19.35 -29.67
N GLY A 201 -10.05 -19.63 -29.63
CA GLY A 201 -11.04 -18.58 -29.38
C GLY A 201 -11.64 -17.90 -30.59
N ASP A 202 -12.86 -17.39 -30.41
CA ASP A 202 -13.63 -16.64 -31.40
C ASP A 202 -13.10 -15.22 -31.53
N VAL A 203 -12.62 -14.62 -30.41
CA VAL A 203 -12.06 -13.26 -30.34
C VAL A 203 -10.70 -13.33 -29.63
N VAL A 204 -9.65 -12.79 -30.27
CA VAL A 204 -8.32 -12.79 -29.69
C VAL A 204 -7.88 -11.36 -29.50
N PHE A 205 -7.60 -10.95 -28.26
CA PHE A 205 -7.11 -9.61 -27.98
C PHE A 205 -5.59 -9.72 -27.86
N VAL A 206 -4.84 -8.89 -28.60
CA VAL A 206 -3.38 -8.86 -28.51
C VAL A 206 -2.98 -7.43 -28.12
N SER A 207 -2.18 -7.28 -27.06
CA SER A 207 -1.81 -5.95 -26.56
C SER A 207 -0.84 -5.17 -27.45
N LYS A 208 -0.80 -3.84 -27.27
CA LYS A 208 0.11 -2.95 -27.98
C LYS A 208 1.56 -3.36 -27.64
N ASP A 209 1.83 -3.65 -26.36
CA ASP A 209 3.13 -4.12 -25.87
C ASP A 209 3.61 -5.36 -26.65
N VAL A 210 2.75 -6.39 -26.79
CA VAL A 210 3.08 -7.61 -27.54
C VAL A 210 3.36 -7.27 -28.99
N ALA A 211 2.50 -6.46 -29.60
CA ALA A 211 2.64 -6.07 -31.00
C ALA A 211 3.97 -5.37 -31.27
N LYS A 212 4.35 -4.42 -30.40
CA LYS A 212 5.60 -3.65 -30.53
C LYS A 212 6.83 -4.54 -30.36
N HIS A 213 6.74 -5.53 -29.46
CA HIS A 213 7.80 -6.52 -29.25
C HIS A 213 7.97 -7.42 -30.47
N LEU A 214 6.86 -7.72 -31.17
CA LEU A 214 6.91 -8.51 -32.39
C LEU A 214 7.35 -7.70 -33.64
N GLY A 215 7.75 -6.45 -33.45
CA GLY A 215 8.23 -5.60 -34.54
C GLY A 215 7.16 -4.79 -35.26
N PHE A 216 5.91 -4.80 -34.75
CA PHE A 216 4.82 -4.06 -35.38
C PHE A 216 4.72 -2.64 -34.80
N GLN A 217 4.47 -1.64 -35.66
CA GLN A 217 4.48 -0.25 -35.21
C GLN A 217 3.10 0.44 -35.14
N SER A 218 2.04 -0.29 -35.45
CA SER A 218 0.66 0.20 -35.39
C SER A 218 -0.29 -0.98 -35.23
N ALA A 219 -1.54 -0.71 -34.83
CA ALA A 219 -2.57 -1.74 -34.70
C ALA A 219 -2.87 -2.38 -36.08
N GLU A 220 -2.79 -1.59 -37.17
CA GLU A 220 -3.03 -2.08 -38.52
C GLU A 220 -1.93 -3.09 -38.89
N GLU A 221 -0.67 -2.75 -38.57
CA GLU A 221 0.49 -3.58 -38.88
C GLU A 221 0.37 -4.91 -38.14
N ALA A 222 0.00 -4.86 -36.86
CA ALA A 222 -0.13 -6.04 -36.03
C ALA A 222 -1.24 -6.98 -36.47
N LEU A 223 -2.43 -6.45 -36.79
CA LEU A 223 -3.54 -7.29 -37.21
C LEU A 223 -3.27 -8.00 -38.54
N ARG A 224 -2.72 -7.28 -39.54
CA ARG A 224 -2.36 -7.89 -40.83
C ARG A 224 -1.24 -8.92 -40.66
N GLY A 225 -0.31 -8.64 -39.76
CA GLY A 225 0.83 -9.50 -39.50
C GLY A 225 0.56 -10.73 -38.65
N LEU A 226 -0.44 -10.69 -37.77
CA LEU A 226 -0.74 -11.81 -36.88
C LEU A 226 -2.02 -12.56 -37.21
N TYR A 227 -2.86 -12.04 -38.13
CA TYR A 227 -4.13 -12.70 -38.42
C TYR A 227 -3.99 -14.16 -38.85
N GLY A 228 -2.93 -14.48 -39.60
CA GLY A 228 -2.66 -15.84 -40.04
C GLY A 228 -2.54 -16.87 -38.92
N ARG A 229 -2.32 -16.40 -37.68
CA ARG A 229 -2.18 -17.25 -36.51
C ARG A 229 -3.51 -17.59 -35.83
N VAL A 230 -4.61 -16.87 -36.14
CA VAL A 230 -5.90 -17.14 -35.48
C VAL A 230 -6.66 -18.29 -36.15
N ARG A 231 -7.56 -18.95 -35.41
CA ARG A 231 -8.32 -20.06 -35.96
C ARG A 231 -9.40 -19.55 -36.97
N LYS A 232 -9.84 -20.42 -37.92
CA LYS A 232 -10.83 -20.07 -38.95
C LYS A 232 -12.04 -19.30 -38.40
N GLY A 233 -12.32 -18.14 -38.99
CA GLY A 233 -13.45 -17.30 -38.63
C GLY A 233 -13.30 -16.41 -37.39
N ALA A 234 -12.12 -16.42 -36.75
CA ALA A 234 -11.91 -15.62 -35.54
C ALA A 234 -11.73 -14.11 -35.83
N VAL A 235 -11.91 -13.26 -34.79
CA VAL A 235 -11.72 -11.82 -34.89
C VAL A 235 -10.51 -11.47 -34.04
N LEU A 236 -9.55 -10.74 -34.59
CA LEU A 236 -8.36 -10.33 -33.85
C LEU A 236 -8.51 -8.86 -33.51
N VAL A 237 -8.33 -8.50 -32.23
CA VAL A 237 -8.51 -7.13 -31.77
C VAL A 237 -7.21 -6.58 -31.20
N CYS A 238 -6.88 -5.34 -31.58
CA CYS A 238 -5.72 -4.66 -31.05
C CYS A 238 -6.01 -3.21 -30.71
N ALA A 239 -5.95 -2.88 -29.41
CA ALA A 239 -6.14 -1.53 -28.90
C ALA A 239 -4.80 -0.82 -28.84
N TRP A 240 -4.77 0.47 -29.15
CA TRP A 240 -3.53 1.23 -29.19
C TRP A 240 -3.62 2.53 -28.39
N ALA A 241 -3.95 2.42 -27.11
CA ALA A 241 -4.05 3.53 -26.18
C ALA A 241 -4.86 4.79 -26.82
N GLU A 242 -4.36 6.06 -26.85
CA GLU A 242 -5.06 7.21 -27.40
C GLU A 242 -5.32 7.15 -28.91
N GLU A 243 -4.80 6.14 -29.60
CA GLU A 243 -5.05 6.00 -31.04
C GLU A 243 -6.30 5.12 -31.36
N GLY A 244 -7.06 4.76 -30.34
CA GLY A 244 -8.26 3.98 -30.49
C GLY A 244 -7.95 2.52 -30.60
N ALA A 245 -8.75 1.79 -31.40
CA ALA A 245 -8.57 0.36 -31.52
C ALA A 245 -9.01 -0.17 -32.87
N ASP A 246 -8.38 -1.26 -33.28
CA ASP A 246 -8.66 -1.92 -34.55
C ASP A 246 -9.05 -3.37 -34.36
N ALA A 247 -9.87 -3.88 -35.29
CA ALA A 247 -10.29 -5.28 -35.30
C ALA A 247 -10.23 -5.82 -36.76
N LEU A 248 -10.09 -7.13 -36.91
CA LEU A 248 -9.98 -7.76 -38.22
C LEU A 248 -10.62 -9.17 -38.14
N GLY A 249 -11.55 -9.44 -39.03
CA GLY A 249 -12.24 -10.72 -39.07
C GLY A 249 -12.04 -11.43 -40.38
N PRO A 250 -12.75 -12.56 -40.58
CA PRO A 250 -12.57 -13.36 -41.80
C PRO A 250 -12.87 -12.66 -43.13
N ASP A 251 -13.70 -11.59 -43.15
CA ASP A 251 -13.95 -10.88 -44.42
C ASP A 251 -12.71 -10.10 -44.96
N GLY A 252 -11.68 -9.96 -44.13
CA GLY A 252 -10.47 -9.25 -44.50
C GLY A 252 -10.51 -7.74 -44.35
N LYS A 253 -11.66 -7.19 -43.94
CA LYS A 253 -11.79 -5.74 -43.79
C LYS A 253 -11.32 -5.27 -42.42
N LEU A 254 -10.34 -4.38 -42.43
CA LEU A 254 -9.80 -3.82 -41.20
C LEU A 254 -10.81 -2.77 -40.66
N LEU A 255 -11.15 -2.88 -39.36
CA LEU A 255 -12.09 -1.96 -38.74
C LEU A 255 -11.33 -1.08 -37.74
N HIS A 256 -11.75 0.18 -37.60
CA HIS A 256 -11.12 1.09 -36.66
C HIS A 256 -12.17 1.85 -35.85
N SER A 257 -11.81 2.22 -34.63
CA SER A 257 -12.61 3.09 -33.81
C SER A 257 -11.66 4.09 -33.18
N ASP A 258 -11.98 5.39 -33.27
CA ASP A 258 -11.18 6.40 -32.60
C ASP A 258 -11.40 6.25 -31.10
N ALA A 259 -10.44 6.72 -30.30
CA ALA A 259 -10.59 6.70 -28.86
C ALA A 259 -11.57 7.81 -28.44
N PHE A 260 -12.16 7.70 -27.25
CA PHE A 260 -13.03 8.73 -26.70
C PHE A 260 -12.27 9.28 -25.47
N PRO A 261 -11.11 9.96 -25.64
CA PRO A 261 -10.36 10.41 -24.47
C PRO A 261 -11.12 11.41 -23.61
N PRO A 262 -10.94 11.37 -22.28
CA PRO A 262 -11.57 12.39 -21.42
C PRO A 262 -10.78 13.70 -21.49
N PRO A 263 -11.41 14.89 -21.40
CA PRO A 263 -10.63 16.15 -21.43
C PRO A 263 -9.50 16.17 -20.38
N ARG A 264 -9.68 15.47 -19.26
CA ARG A 264 -8.62 15.34 -18.27
C ARG A 264 -8.44 13.87 -17.96
N VAL A 265 -7.26 13.33 -18.32
CA VAL A 265 -6.96 11.93 -18.07
C VAL A 265 -6.43 11.86 -16.65
N VAL A 266 -7.05 11.05 -15.78
CA VAL A 266 -6.64 11.01 -14.39
C VAL A 266 -6.27 9.61 -13.88
N ASP A 267 -6.84 8.54 -14.45
CA ASP A 267 -6.53 7.20 -13.99
C ASP A 267 -6.71 6.19 -15.11
N THR A 268 -5.59 5.70 -15.67
CA THR A 268 -5.64 4.69 -16.74
C THR A 268 -5.45 3.26 -16.22
N LEU A 269 -5.33 3.06 -14.89
CA LEU A 269 -5.15 1.71 -14.34
C LEU A 269 -6.40 0.86 -14.65
N GLY A 270 -6.22 -0.18 -15.44
CA GLY A 270 -7.32 -1.06 -15.80
C GLY A 270 -8.08 -0.65 -17.04
N ALA A 271 -7.51 0.26 -17.85
CA ALA A 271 -8.19 0.73 -19.06
C ALA A 271 -8.31 -0.39 -20.12
N GLY A 272 -7.30 -1.22 -20.21
CA GLY A 272 -7.32 -2.35 -21.14
C GLY A 272 -8.37 -3.36 -20.76
N ASP A 273 -8.52 -3.62 -19.46
CA ASP A 273 -9.52 -4.54 -18.91
C ASP A 273 -10.94 -4.02 -19.11
N THR A 274 -11.11 -2.68 -19.06
CA THR A 274 -12.38 -1.99 -19.30
C THR A 274 -12.72 -2.11 -20.80
N PHE A 275 -11.73 -1.94 -21.68
CA PHE A 275 -11.91 -2.09 -23.11
C PHE A 275 -12.31 -3.54 -23.43
N ASN A 276 -11.55 -4.52 -22.91
CA ASN A 276 -11.78 -5.92 -23.13
C ASN A 276 -13.16 -6.34 -22.70
N ALA A 277 -13.59 -5.95 -21.48
CA ALA A 277 -14.90 -6.32 -20.95
C ALA A 277 -16.02 -5.70 -21.74
N SER A 278 -15.83 -4.47 -22.21
CA SER A 278 -16.86 -3.77 -22.96
C SER A 278 -17.04 -4.33 -24.36
N VAL A 279 -15.93 -4.79 -25.01
CA VAL A 279 -16.01 -5.43 -26.34
C VAL A 279 -16.72 -6.77 -26.19
N ILE A 280 -16.33 -7.55 -25.14
CA ILE A 280 -16.95 -8.85 -24.85
C ILE A 280 -18.45 -8.66 -24.61
N PHE A 281 -18.82 -7.67 -23.79
CA PHE A 281 -20.22 -7.39 -23.50
C PHE A 281 -21.05 -7.10 -24.75
N SER A 282 -20.56 -6.18 -25.58
CA SER A 282 -21.25 -5.75 -26.80
C SER A 282 -21.45 -6.91 -27.76
N LEU A 283 -20.40 -7.73 -27.97
CA LEU A 283 -20.50 -8.89 -28.85
C LEU A 283 -21.46 -9.92 -28.29
N SER A 284 -21.44 -10.14 -26.96
CA SER A 284 -22.37 -11.04 -26.29
C SER A 284 -23.83 -10.60 -26.44
N GLN A 285 -24.08 -9.28 -26.68
CA GLN A 285 -25.43 -8.74 -26.89
C GLN A 285 -25.89 -8.79 -28.35
N GLY A 286 -25.12 -9.40 -29.24
CA GLY A 286 -25.47 -9.49 -30.65
C GLY A 286 -25.10 -8.28 -31.49
N ARG A 287 -24.28 -7.35 -30.93
CA ARG A 287 -23.85 -6.15 -31.67
C ARG A 287 -22.77 -6.54 -32.69
N SER A 288 -22.54 -5.67 -33.67
CA SER A 288 -21.52 -5.95 -34.69
C SER A 288 -20.10 -5.68 -34.14
N VAL A 289 -19.06 -6.19 -34.84
CA VAL A 289 -17.68 -6.00 -34.42
C VAL A 289 -17.34 -4.50 -34.44
N GLN A 290 -17.79 -3.77 -35.47
CA GLN A 290 -17.58 -2.31 -35.54
C GLN A 290 -18.20 -1.58 -34.34
N GLU A 291 -19.43 -1.94 -33.98
CA GLU A 291 -20.12 -1.38 -32.83
C GLU A 291 -19.44 -1.72 -31.51
N ALA A 292 -19.00 -2.99 -31.34
CA ALA A 292 -18.33 -3.45 -30.12
C ALA A 292 -16.99 -2.76 -29.90
N LEU A 293 -16.27 -2.49 -31.02
CA LEU A 293 -15.00 -1.79 -31.02
C LEU A 293 -15.24 -0.36 -30.50
N ARG A 294 -16.25 0.33 -31.05
CA ARG A 294 -16.58 1.69 -30.65
C ARG A 294 -16.94 1.75 -29.20
N PHE A 295 -17.83 0.81 -28.77
CA PHE A 295 -18.29 0.72 -27.40
C PHE A 295 -17.15 0.49 -26.40
N GLY A 296 -16.17 -0.35 -26.78
CA GLY A 296 -15.00 -0.59 -25.95
C GLY A 296 -14.20 0.67 -25.71
N CYS A 297 -14.00 1.45 -26.77
CA CYS A 297 -13.29 2.73 -26.66
C CYS A 297 -14.07 3.73 -25.83
N GLN A 298 -15.42 3.74 -26.00
CA GLN A 298 -16.30 4.66 -25.27
C GLN A 298 -16.23 4.43 -23.75
N VAL A 299 -16.33 3.17 -23.33
CA VAL A 299 -16.31 2.84 -21.91
C VAL A 299 -14.93 3.07 -21.29
N ALA A 300 -13.86 2.56 -21.95
CA ALA A 300 -12.50 2.76 -21.42
C ALA A 300 -12.08 4.23 -21.45
N GLY A 301 -12.63 5.00 -22.40
CA GLY A 301 -12.35 6.42 -22.49
C GLY A 301 -12.93 7.15 -21.30
N LYS A 302 -14.15 6.81 -20.93
CA LYS A 302 -14.81 7.41 -19.78
C LYS A 302 -14.10 7.02 -18.47
N LYS A 303 -13.62 5.77 -18.38
CA LYS A 303 -12.90 5.28 -17.21
C LYS A 303 -11.65 6.12 -16.95
N CYS A 304 -10.91 6.43 -18.02
CA CYS A 304 -9.67 7.20 -17.94
C CYS A 304 -9.82 8.56 -17.26
N GLY A 305 -11.02 9.14 -17.31
CA GLY A 305 -11.26 10.42 -16.68
C GLY A 305 -11.85 10.33 -15.29
N LEU A 306 -11.81 9.12 -14.68
CA LEU A 306 -12.37 8.81 -13.37
C LEU A 306 -11.39 8.00 -12.53
N GLN A 307 -11.46 8.15 -11.20
CA GLN A 307 -10.69 7.30 -10.30
C GLN A 307 -11.50 6.00 -10.09
N GLY A 308 -10.90 4.88 -10.41
CA GLY A 308 -11.57 3.60 -10.26
C GLY A 308 -12.61 3.33 -11.33
N PHE A 309 -13.58 2.45 -11.03
CA PHE A 309 -14.58 2.06 -12.00
C PHE A 309 -16.01 2.63 -11.77
N ASP A 310 -16.30 3.24 -10.61
CA ASP A 310 -17.64 3.83 -10.40
C ASP A 310 -17.85 5.04 -11.34
N GLY A 311 -18.97 5.07 -12.01
CA GLY A 311 -19.29 6.18 -12.90
C GLY A 311 -19.10 5.88 -14.36
N ILE A 312 -18.69 4.63 -14.69
CA ILE A 312 -18.45 4.13 -16.03
C ILE A 312 -19.72 4.15 -16.90
N VAL A 313 -20.90 3.97 -16.29
CA VAL A 313 -22.18 4.00 -17.01
C VAL A 313 -23.32 4.55 -16.11
N SER B 12 -12.49 -3.34 27.47
CA SER B 12 -11.10 -3.22 27.98
C SER B 12 -10.97 -3.58 29.47
N GLY B 13 -9.76 -3.95 29.89
CA GLY B 13 -9.52 -4.32 31.28
C GLY B 13 -9.06 -3.22 32.22
N LEU B 14 -9.00 -3.56 33.51
CA LEU B 14 -8.57 -2.65 34.55
C LEU B 14 -7.07 -2.36 34.38
N VAL B 15 -6.70 -1.09 34.20
CA VAL B 15 -5.30 -0.69 34.09
C VAL B 15 -4.92 -0.06 35.40
N PRO B 16 -4.00 -0.64 36.18
CA PRO B 16 -3.63 -0.05 37.46
C PRO B 16 -3.16 1.40 37.38
N ARG B 17 -3.51 2.21 38.37
CA ARG B 17 -3.15 3.62 38.45
C ARG B 17 -1.64 3.77 38.48
N GLY B 18 -1.14 4.68 37.64
CA GLY B 18 0.27 5.05 37.51
C GLY B 18 1.16 3.92 37.07
N SER B 19 0.69 3.11 36.12
CA SER B 19 1.46 1.96 35.66
C SER B 19 1.94 2.03 34.22
N GLN B 20 1.26 2.78 33.36
CA GLN B 20 1.51 2.82 31.92
C GLN B 20 2.33 3.98 31.40
N ILE B 21 2.99 3.79 30.23
CA ILE B 21 3.73 4.82 29.52
C ILE B 21 2.92 5.11 28.23
N LEU B 22 2.51 6.36 28.04
CA LEU B 22 1.70 6.77 26.89
C LEU B 22 2.57 7.47 25.86
N CYS B 23 2.38 7.13 24.58
CA CYS B 23 3.06 7.78 23.48
C CYS B 23 1.97 8.38 22.60
N VAL B 24 1.97 9.70 22.44
CA VAL B 24 1.00 10.43 21.62
C VAL B 24 1.70 10.78 20.31
N GLY B 25 1.17 10.34 19.19
CA GLY B 25 1.77 10.65 17.90
C GLY B 25 1.17 10.01 16.69
N LEU B 26 2.04 9.66 15.75
CA LEU B 26 1.66 9.10 14.48
C LEU B 26 1.78 7.58 14.38
N VAL B 27 0.87 7.00 13.61
CA VAL B 27 0.86 5.61 13.21
C VAL B 27 0.58 5.62 11.71
N VAL B 28 1.37 4.89 10.97
CA VAL B 28 1.26 4.86 9.51
C VAL B 28 1.53 3.47 9.00
N LEU B 29 0.86 3.05 7.94
CA LEU B 29 1.08 1.75 7.34
C LEU B 29 2.15 1.95 6.27
N ASP B 30 3.33 1.38 6.45
CA ASP B 30 4.42 1.52 5.47
C ASP B 30 4.50 0.31 4.54
N VAL B 31 4.20 0.50 3.24
CA VAL B 31 4.33 -0.59 2.28
C VAL B 31 5.71 -0.40 1.69
N ILE B 32 6.64 -1.32 1.99
CA ILE B 32 8.03 -1.27 1.53
C ILE B 32 8.33 -2.31 0.46
N SER B 33 8.87 -1.88 -0.69
CA SER B 33 9.15 -2.80 -1.80
C SER B 33 10.61 -2.71 -2.15
N LEU B 34 11.29 -3.85 -2.24
CA LEU B 34 12.71 -3.90 -2.59
C LEU B 34 12.79 -4.18 -4.09
N VAL B 35 13.43 -3.31 -4.88
CA VAL B 35 13.48 -3.49 -6.33
C VAL B 35 14.91 -3.60 -6.89
N ASP B 36 15.10 -4.26 -8.05
CA ASP B 36 16.44 -4.30 -8.65
C ASP B 36 16.78 -2.96 -9.30
N LYS B 37 15.81 -2.42 -10.05
CA LYS B 37 15.93 -1.14 -10.74
C LYS B 37 14.73 -0.24 -10.41
N TYR B 38 14.95 1.08 -10.34
CA TYR B 38 13.86 2.02 -10.07
C TYR B 38 12.92 2.05 -11.25
N PRO B 39 11.60 1.89 -10.99
CA PRO B 39 10.64 1.85 -12.11
C PRO B 39 10.48 3.15 -12.86
N LYS B 40 10.44 3.06 -14.19
CA LYS B 40 10.17 4.22 -15.01
C LYS B 40 8.68 4.58 -14.86
N GLU B 41 8.28 5.85 -15.01
CA GLU B 41 6.89 6.25 -14.88
C GLU B 41 6.03 5.54 -15.93
N ASP B 42 4.89 5.01 -15.50
CA ASP B 42 3.91 4.28 -16.28
C ASP B 42 4.37 2.87 -16.65
N SER B 43 5.26 2.29 -15.87
CA SER B 43 5.75 0.93 -16.13
C SER B 43 5.28 -0.05 -15.07
N GLU B 44 5.39 -1.36 -15.36
CA GLU B 44 4.97 -2.38 -14.42
C GLU B 44 6.15 -3.31 -14.14
N ILE B 45 6.68 -3.23 -12.93
CA ILE B 45 7.83 -4.04 -12.53
C ILE B 45 7.45 -5.01 -11.42
N ARG B 46 8.24 -6.07 -11.25
CA ARG B 46 8.04 -7.05 -10.19
C ARG B 46 9.11 -6.80 -9.12
N CYS B 47 8.71 -6.73 -7.85
CA CYS B 47 9.70 -6.47 -6.78
C CYS B 47 10.36 -7.77 -6.31
N LEU B 48 11.50 -7.64 -5.64
CA LEU B 48 12.24 -8.77 -5.08
C LEU B 48 11.51 -9.25 -3.81
N SER B 49 11.06 -8.31 -2.97
CA SER B 49 10.30 -8.61 -1.76
C SER B 49 9.43 -7.42 -1.35
N GLN B 50 8.28 -7.71 -0.70
CA GLN B 50 7.40 -6.67 -0.20
C GLN B 50 7.18 -6.86 1.30
N ARG B 51 6.90 -5.76 2.01
CA ARG B 51 6.65 -5.78 3.44
C ARG B 51 5.61 -4.78 3.84
N TRP B 52 4.70 -5.14 4.76
CA TRP B 52 3.76 -4.19 5.33
C TRP B 52 4.22 -4.05 6.77
N GLN B 53 4.58 -2.83 7.17
CA GLN B 53 5.06 -2.58 8.52
C GLN B 53 4.26 -1.48 9.16
N ARG B 54 3.91 -1.64 10.45
CA ARG B 54 3.30 -0.54 11.20
C ARG B 54 4.48 0.38 11.54
N GLY B 55 4.36 1.66 11.17
CA GLY B 55 5.40 2.67 11.40
C GLY B 55 4.88 3.83 12.20
N GLY B 56 5.60 4.95 12.16
CA GLY B 56 5.22 6.13 12.92
C GLY B 56 6.07 6.22 14.18
N ASN B 57 6.55 7.41 14.53
CA ASN B 57 7.42 7.58 15.70
C ASN B 57 6.85 7.06 17.03
N ALA B 58 5.69 7.59 17.49
CA ALA B 58 5.10 7.16 18.74
C ALA B 58 4.74 5.68 18.73
N SER B 59 4.18 5.20 17.60
CA SER B 59 3.79 3.83 17.33
C SER B 59 5.01 2.87 17.46
N ASN B 60 6.16 3.25 16.93
CA ASN B 60 7.37 2.45 17.02
C ASN B 60 7.89 2.41 18.46
N SER B 61 7.82 3.55 19.17
CA SER B 61 8.25 3.62 20.58
C SER B 61 7.41 2.72 21.46
N CYS B 62 6.10 2.60 21.15
CA CYS B 62 5.21 1.71 21.87
C CYS B 62 5.65 0.26 21.70
N THR B 63 6.05 -0.12 20.48
CA THR B 63 6.51 -1.47 20.21
C THR B 63 7.70 -1.83 21.11
N VAL B 64 8.71 -0.93 21.14
CA VAL B 64 9.92 -1.10 21.91
C VAL B 64 9.60 -1.18 23.38
N LEU B 65 8.76 -0.26 23.90
CA LEU B 65 8.33 -0.29 25.31
C LEU B 65 7.71 -1.66 25.70
N SER B 66 6.89 -2.26 24.82
CA SER B 66 6.27 -3.55 25.12
C SER B 66 7.31 -4.66 25.14
N LEU B 67 8.29 -4.60 24.25
CA LEU B 67 9.37 -5.60 24.21
C LEU B 67 10.34 -5.45 25.39
N LEU B 68 10.48 -4.23 25.92
CA LEU B 68 11.29 -3.98 27.11
C LEU B 68 10.60 -4.44 28.42
N GLY B 69 9.32 -4.77 28.34
CA GLY B 69 8.57 -5.24 29.49
C GLY B 69 7.73 -4.18 30.17
N ALA B 70 7.57 -3.02 29.51
CA ALA B 70 6.75 -1.93 30.04
C ALA B 70 5.33 -1.99 29.54
N PRO B 71 4.36 -1.86 30.46
CA PRO B 71 2.97 -1.70 30.01
C PRO B 71 2.87 -0.33 29.29
N CYS B 72 2.26 -0.31 28.09
CA CYS B 72 2.25 0.94 27.31
C CYS B 72 1.00 1.14 26.48
N ALA B 73 0.74 2.38 26.10
CA ALA B 73 -0.47 2.73 25.37
C ALA B 73 -0.16 3.75 24.27
N PHE B 74 -0.94 3.71 23.19
CA PHE B 74 -0.75 4.63 22.09
C PHE B 74 -1.93 5.58 21.95
N MET B 75 -1.65 6.87 21.68
CA MET B 75 -2.73 7.83 21.41
C MET B 75 -2.46 8.49 20.09
N GLY B 76 -3.32 8.24 19.14
CA GLY B 76 -3.16 8.79 17.80
C GLY B 76 -4.42 8.73 16.98
N SER B 77 -4.46 9.48 15.88
CA SER B 77 -5.63 9.51 15.03
C SER B 77 -5.65 8.34 14.08
N MET B 78 -6.84 7.72 13.93
CA MET B 78 -7.08 6.64 12.99
C MET B 78 -8.50 6.79 12.44
N ALA B 79 -8.76 6.35 11.21
CA ALA B 79 -10.10 6.39 10.62
C ALA B 79 -10.58 4.97 10.38
N PRO B 80 -11.83 4.65 10.71
CA PRO B 80 -12.33 3.28 10.48
C PRO B 80 -12.09 2.77 9.06
N GLY B 81 -11.62 1.53 8.92
CA GLY B 81 -11.33 0.98 7.61
C GLY B 81 -10.25 -0.07 7.61
N HIS B 82 -9.92 -0.60 6.43
CA HIS B 82 -9.01 -1.71 6.27
C HIS B 82 -7.56 -1.38 6.64
N VAL B 83 -7.12 -0.13 6.41
CA VAL B 83 -5.77 0.26 6.80
C VAL B 83 -5.67 0.27 8.33
N ALA B 84 -6.67 0.86 9.01
CA ALA B 84 -6.68 0.89 10.47
C ALA B 84 -6.81 -0.52 11.05
N ASP B 85 -7.58 -1.38 10.39
CA ASP B 85 -7.74 -2.77 10.82
C ASP B 85 -6.37 -3.49 10.88
N PHE B 86 -5.53 -3.30 9.87
CA PHE B 86 -4.20 -3.90 9.85
C PHE B 86 -3.33 -3.35 11.00
N LEU B 87 -3.36 -2.02 11.19
CA LEU B 87 -2.52 -1.34 12.16
C LEU B 87 -2.87 -1.70 13.58
N VAL B 88 -4.17 -1.77 13.87
CA VAL B 88 -4.69 -2.13 15.17
C VAL B 88 -4.29 -3.57 15.53
N ALA B 89 -4.42 -4.49 14.57
CA ALA B 89 -4.04 -5.88 14.77
C ALA B 89 -2.53 -6.02 15.02
N ASP B 90 -1.69 -5.14 14.41
CA ASP B 90 -0.25 -5.15 14.62
C ASP B 90 0.12 -4.58 15.99
N PHE B 91 -0.63 -3.55 16.45
CA PHE B 91 -0.45 -2.96 17.79
C PHE B 91 -0.73 -4.04 18.83
N ARG B 92 -1.80 -4.81 18.63
CA ARG B 92 -2.20 -5.90 19.51
C ARG B 92 -1.22 -7.05 19.47
N ARG B 93 -0.66 -7.34 18.29
CA ARG B 93 0.38 -8.37 18.13
C ARG B 93 1.60 -8.07 19.00
N ARG B 94 1.86 -6.77 19.24
CA ARG B 94 2.95 -6.27 20.08
C ARG B 94 2.51 -5.84 21.49
N GLY B 95 1.31 -6.25 21.93
CA GLY B 95 0.80 -5.95 23.27
C GLY B 95 0.64 -4.49 23.60
N VAL B 96 0.35 -3.66 22.61
CA VAL B 96 0.17 -2.22 22.82
C VAL B 96 -1.30 -1.92 23.07
N ASP B 97 -1.61 -1.15 24.14
CA ASP B 97 -2.96 -0.71 24.47
C ASP B 97 -3.41 0.39 23.46
N VAL B 98 -4.53 0.14 22.74
CA VAL B 98 -5.09 1.08 21.77
C VAL B 98 -6.42 1.70 22.22
N SER B 99 -6.76 1.61 23.50
CA SER B 99 -8.00 2.16 24.03
C SER B 99 -8.15 3.68 23.83
N GLN B 100 -7.04 4.43 23.84
CA GLN B 100 -7.09 5.89 23.73
C GLN B 100 -6.94 6.43 22.31
N VAL B 101 -7.08 5.60 21.29
CA VAL B 101 -6.98 6.07 19.90
C VAL B 101 -8.13 7.05 19.58
N ALA B 102 -7.80 8.20 18.95
CA ALA B 102 -8.82 9.17 18.54
C ALA B 102 -9.37 8.74 17.18
N TRP B 103 -10.57 8.14 17.17
CA TRP B 103 -11.19 7.70 15.93
C TRP B 103 -11.80 8.90 15.18
N GLN B 104 -11.55 9.00 13.87
CA GLN B 104 -11.99 10.13 13.04
C GLN B 104 -13.08 9.77 12.06
N SER B 105 -14.06 10.68 11.92
CA SER B 105 -15.17 10.53 10.98
C SER B 105 -14.73 10.81 9.52
N LYS B 106 -13.78 11.75 9.33
CA LYS B 106 -13.31 12.07 8.00
C LYS B 106 -11.78 11.90 7.87
N GLY B 107 -11.33 11.49 6.69
CA GLY B 107 -9.93 11.31 6.38
C GLY B 107 -9.51 9.88 6.17
N ASP B 108 -8.24 9.69 5.79
CA ASP B 108 -7.66 8.37 5.56
C ASP B 108 -6.67 8.03 6.66
N THR B 109 -6.57 6.74 7.06
CA THR B 109 -5.54 6.32 8.01
C THR B 109 -4.22 6.36 7.23
N PRO B 110 -3.18 7.03 7.76
CA PRO B 110 -1.97 7.23 6.94
C PRO B 110 -1.31 5.95 6.44
N SER B 111 -0.81 6.04 5.21
CA SER B 111 -0.13 4.95 4.54
C SER B 111 0.92 5.52 3.59
N SER B 112 2.14 4.95 3.59
CA SER B 112 3.19 5.39 2.69
C SER B 112 3.72 4.26 1.82
N CYS B 113 4.29 4.61 0.70
CA CYS B 113 4.86 3.64 -0.23
C CYS B 113 6.33 3.93 -0.26
N CYS B 114 7.16 2.96 0.10
CA CYS B 114 8.63 3.12 0.04
C CYS B 114 9.24 2.20 -0.98
N ILE B 115 9.91 2.75 -1.99
CA ILE B 115 10.58 1.95 -2.99
C ILE B 115 12.07 1.98 -2.73
N ILE B 116 12.66 0.83 -2.33
CA ILE B 116 14.08 0.78 -2.05
C ILE B 116 14.84 0.11 -3.19
N ASN B 117 15.77 0.85 -3.82
CA ASN B 117 16.56 0.29 -4.92
C ASN B 117 17.67 -0.56 -4.33
N ASN B 118 17.64 -1.87 -4.57
CA ASN B 118 18.60 -2.84 -4.06
C ASN B 118 20.01 -2.61 -4.61
N SER B 119 20.12 -2.10 -5.85
CA SER B 119 21.41 -1.87 -6.49
C SER B 119 22.21 -0.67 -5.94
N ASN B 120 21.59 0.24 -5.16
CA ASN B 120 22.34 1.40 -4.63
C ASN B 120 21.89 1.93 -3.25
N GLY B 121 20.82 1.35 -2.71
CA GLY B 121 20.29 1.73 -1.41
C GLY B 121 19.36 2.93 -1.40
N ASN B 122 19.16 3.57 -2.55
CA ASN B 122 18.28 4.74 -2.63
C ASN B 122 16.86 4.43 -2.16
N ARG B 123 16.23 5.39 -1.49
CA ARG B 123 14.87 5.21 -1.01
C ARG B 123 13.93 6.30 -1.58
N THR B 124 12.93 5.90 -2.38
CA THR B 124 11.94 6.84 -2.91
C THR B 124 10.67 6.69 -2.07
N ILE B 125 10.14 7.79 -1.55
CA ILE B 125 8.99 7.72 -0.65
C ILE B 125 7.78 8.53 -1.11
N VAL B 126 6.61 7.86 -1.19
CA VAL B 126 5.36 8.55 -1.48
C VAL B 126 4.62 8.60 -0.13
N LEU B 127 4.78 9.72 0.56
CA LEU B 127 4.29 10.03 1.89
C LEU B 127 2.80 10.09 1.96
N HIS B 128 2.26 9.73 3.12
CA HIS B 128 0.83 9.78 3.36
C HIS B 128 0.23 11.16 3.11
N ASP B 129 -1.08 11.21 2.84
CA ASP B 129 -1.79 12.46 2.62
C ASP B 129 -2.06 13.14 3.99
N THR B 130 -2.71 14.29 3.96
CA THR B 130 -2.95 15.05 5.20
C THR B 130 -4.41 15.15 5.60
N SER B 131 -5.29 14.34 5.01
CA SER B 131 -6.71 14.38 5.28
C SER B 131 -7.12 14.05 6.75
N LEU B 132 -6.35 13.22 7.45
CA LEU B 132 -6.70 12.84 8.83
C LEU B 132 -6.34 13.91 9.80
N PRO B 133 -7.33 14.41 10.57
CA PRO B 133 -7.01 15.44 11.56
C PRO B 133 -6.07 14.91 12.64
N ASP B 134 -5.23 15.78 13.18
CA ASP B 134 -4.31 15.38 14.24
C ASP B 134 -5.06 15.28 15.54
N VAL B 135 -4.45 14.65 16.57
CA VAL B 135 -5.11 14.56 17.87
C VAL B 135 -5.19 15.96 18.45
N SER B 136 -6.39 16.44 18.82
CA SER B 136 -6.53 17.81 19.33
C SER B 136 -6.48 17.92 20.86
N ALA B 137 -6.44 19.15 21.37
CA ALA B 137 -6.43 19.38 22.82
C ALA B 137 -7.78 18.97 23.43
N THR B 138 -8.89 19.11 22.66
CA THR B 138 -10.20 18.70 23.18
C THR B 138 -10.27 17.17 23.28
N ASP B 139 -9.63 16.44 22.36
CA ASP B 139 -9.55 14.98 22.42
C ASP B 139 -8.76 14.57 23.69
N PHE B 140 -7.66 15.28 23.97
CA PHE B 140 -6.80 15.00 25.10
C PHE B 140 -7.48 15.30 26.44
N GLU B 141 -8.35 16.33 26.47
CA GLU B 141 -9.13 16.77 27.65
C GLU B 141 -9.93 15.58 28.23
N LYS B 142 -10.50 14.77 27.33
CA LYS B 142 -11.37 13.62 27.63
C LYS B 142 -10.63 12.39 28.15
N VAL B 143 -9.32 12.46 28.31
CA VAL B 143 -8.52 11.33 28.75
C VAL B 143 -8.25 11.36 30.25
N ASP B 144 -8.61 10.29 30.98
CA ASP B 144 -8.30 10.14 32.38
C ASP B 144 -6.80 9.76 32.45
N LEU B 145 -6.01 10.70 32.95
CA LEU B 145 -4.58 10.56 33.07
C LEU B 145 -4.10 9.68 34.21
N THR B 146 -4.96 9.24 35.15
CA THR B 146 -4.47 8.47 36.33
C THR B 146 -3.67 7.20 36.02
N GLN B 147 -4.00 6.48 34.91
CA GLN B 147 -3.31 5.23 34.56
C GLN B 147 -1.89 5.40 34.05
N PHE B 148 -1.44 6.65 33.83
CA PHE B 148 -0.11 6.89 33.29
C PHE B 148 0.93 7.38 34.29
N LYS B 149 2.15 6.83 34.19
CA LYS B 149 3.30 7.26 34.99
C LYS B 149 4.19 8.22 34.17
N TRP B 150 4.19 8.06 32.82
CA TRP B 150 4.95 8.84 31.87
C TRP B 150 4.08 9.09 30.64
N ILE B 151 4.19 10.31 30.05
CA ILE B 151 3.52 10.68 28.82
C ILE B 151 4.53 11.28 27.89
N HIS B 152 4.73 10.66 26.74
CA HIS B 152 5.67 11.08 25.72
C HIS B 152 4.88 11.60 24.54
N ILE B 153 5.17 12.82 24.11
CA ILE B 153 4.47 13.44 23.00
C ILE B 153 5.41 13.69 21.85
N GLU B 154 5.04 13.22 20.65
CA GLU B 154 5.82 13.43 19.43
C GLU B 154 5.33 14.75 18.83
N GLY B 155 6.19 15.76 18.78
CA GLY B 155 5.84 17.06 18.23
C GLY B 155 5.29 17.03 16.82
N ARG B 156 4.03 17.50 16.65
CA ARG B 156 3.34 17.54 15.35
C ARG B 156 2.52 18.86 15.22
N ASN B 157 1.31 18.91 15.81
CA ASN B 157 0.48 20.09 15.81
C ASN B 157 0.76 20.83 17.12
N ALA B 158 1.91 21.51 17.15
CA ALA B 158 2.49 22.21 18.28
C ALA B 158 1.53 23.06 19.12
N SER B 159 0.71 23.95 18.51
CA SER B 159 -0.19 24.79 19.32
C SER B 159 -1.22 23.98 20.13
N GLU B 160 -1.73 22.87 19.56
CA GLU B 160 -2.67 22.02 20.28
C GLU B 160 -1.96 21.21 21.36
N GLN B 161 -0.73 20.74 21.07
CA GLN B 161 0.07 19.95 21.99
C GLN B 161 0.53 20.72 23.20
N VAL B 162 0.73 22.03 23.06
CA VAL B 162 1.10 22.88 24.19
C VAL B 162 -0.05 22.88 25.23
N LYS B 163 -1.32 22.88 24.77
CA LYS B 163 -2.45 22.84 25.66
C LYS B 163 -2.51 21.51 26.42
N MET B 164 -2.22 20.40 25.73
CA MET B 164 -2.17 19.07 26.33
C MET B 164 -1.08 19.01 27.41
N LEU B 165 0.06 19.65 27.15
CA LEU B 165 1.18 19.73 28.10
C LEU B 165 0.82 20.57 29.32
N GLN B 166 0.10 21.67 29.09
CA GLN B 166 -0.38 22.52 30.18
C GLN B 166 -1.41 21.75 31.04
N ARG B 167 -2.24 20.89 30.40
CA ARG B 167 -3.19 20.05 31.13
C ARG B 167 -2.42 19.08 32.05
N ILE B 168 -1.35 18.47 31.56
CA ILE B 168 -0.49 17.59 32.37
C ILE B 168 0.15 18.36 33.53
N ASP B 169 0.67 19.59 33.27
CA ASP B 169 1.25 20.43 34.32
C ASP B 169 0.22 20.71 35.42
N ALA B 170 -1.01 21.06 35.03
CA ALA B 170 -2.11 21.36 35.96
C ALA B 170 -2.44 20.12 36.76
N HIS B 171 -2.48 18.94 36.12
CA HIS B 171 -2.76 17.68 36.81
C HIS B 171 -1.74 17.43 37.92
N ASN B 172 -0.44 17.67 37.61
CA ASN B 172 0.67 17.46 38.52
C ASN B 172 0.73 18.41 39.69
N THR B 173 0.14 19.61 39.57
CA THR B 173 0.13 20.54 40.71
C THR B 173 -0.69 20.00 41.90
N ARG B 174 -1.64 19.09 41.65
CA ARG B 174 -2.48 18.49 42.68
C ARG B 174 -1.96 17.13 43.20
N GLN B 175 -0.81 16.65 42.70
CA GLN B 175 -0.28 15.34 43.10
C GLN B 175 0.98 15.43 43.95
N PRO B 176 1.16 14.47 44.88
CA PRO B 176 2.42 14.39 45.63
C PRO B 176 3.56 13.93 44.70
N PRO B 177 4.83 14.17 45.06
CA PRO B 177 5.94 13.79 44.17
C PRO B 177 5.89 12.39 43.56
N GLU B 178 5.46 11.37 44.33
CA GLU B 178 5.42 9.98 43.83
C GLU B 178 4.23 9.69 42.89
N GLN B 179 3.34 10.66 42.72
CA GLN B 179 2.18 10.50 41.84
C GLN B 179 2.22 11.45 40.63
N LYS B 180 3.29 12.24 40.46
CA LYS B 180 3.41 13.15 39.32
C LYS B 180 3.78 12.38 38.05
N ILE B 181 3.11 12.70 36.94
CA ILE B 181 3.36 12.04 35.66
C ILE B 181 4.54 12.70 35.00
N ARG B 182 5.61 11.92 34.71
CA ARG B 182 6.78 12.46 34.04
C ARG B 182 6.48 12.69 32.54
N VAL B 183 7.00 13.79 31.97
CA VAL B 183 6.69 14.14 30.59
C VAL B 183 7.88 14.24 29.69
N SER B 184 7.76 13.76 28.44
CA SER B 184 8.82 13.91 27.47
C SER B 184 8.28 14.36 26.12
N VAL B 185 9.05 15.15 25.39
CA VAL B 185 8.67 15.66 24.07
C VAL B 185 9.77 15.39 23.04
N GLU B 186 9.39 15.15 21.77
CA GLU B 186 10.38 14.95 20.72
C GLU B 186 10.16 15.97 19.60
N VAL B 187 11.24 16.67 19.21
CA VAL B 187 11.24 17.62 18.12
C VAL B 187 12.09 16.94 17.04
N GLU B 188 11.44 16.18 16.15
CA GLU B 188 12.14 15.40 15.13
C GLU B 188 12.10 16.03 13.75
N LYS B 189 11.12 16.88 13.48
CA LYS B 189 11.01 17.54 12.18
C LYS B 189 11.51 18.98 12.25
N PRO B 190 12.20 19.45 11.20
CA PRO B 190 12.71 20.83 11.25
C PRO B 190 11.67 21.88 10.85
N ARG B 191 10.62 22.02 11.66
CA ARG B 191 9.58 22.99 11.41
C ARG B 191 9.53 23.99 12.57
N GLU B 192 9.51 25.29 12.26
CA GLU B 192 9.54 26.37 13.27
C GLU B 192 8.40 26.37 14.30
N GLU B 193 7.24 25.81 13.94
CA GLU B 193 6.10 25.70 14.83
C GLU B 193 6.46 24.83 16.06
N LEU B 194 7.23 23.74 15.83
CA LEU B 194 7.64 22.80 16.85
C LEU B 194 8.59 23.34 17.90
N PHE B 195 9.33 24.42 17.61
CA PHE B 195 10.35 24.91 18.51
C PHE B 195 9.81 25.45 19.84
N GLN B 196 8.51 25.73 19.93
CA GLN B 196 7.91 26.14 21.21
C GLN B 196 7.79 24.94 22.19
N LEU B 197 7.86 23.69 21.68
CA LEU B 197 7.80 22.49 22.50
C LEU B 197 9.06 22.29 23.34
N PHE B 198 10.20 22.94 22.98
CA PHE B 198 11.45 22.87 23.77
C PHE B 198 11.23 23.28 25.22
N GLY B 199 10.30 24.20 25.45
CA GLY B 199 9.98 24.72 26.77
C GLY B 199 9.00 23.89 27.57
N TYR B 200 8.70 22.66 27.13
CA TYR B 200 7.78 21.78 27.85
C TYR B 200 8.44 20.41 28.10
N GLY B 201 8.03 19.75 29.17
CA GLY B 201 8.52 18.42 29.48
C GLY B 201 9.75 18.35 30.38
N ASP B 202 9.86 17.21 31.08
CA ASP B 202 10.99 16.90 31.93
C ASP B 202 12.22 16.50 31.09
N VAL B 203 11.99 15.81 29.96
CA VAL B 203 13.00 15.32 29.02
C VAL B 203 12.60 15.77 27.60
N VAL B 204 13.52 16.43 26.89
CA VAL B 204 13.26 16.89 25.54
C VAL B 204 14.25 16.20 24.60
N PHE B 205 13.76 15.43 23.63
CA PHE B 205 14.63 14.80 22.64
C PHE B 205 14.60 15.66 21.39
N VAL B 206 15.77 16.03 20.87
CA VAL B 206 15.89 16.81 19.64
C VAL B 206 16.72 15.99 18.65
N SER B 207 16.24 15.81 17.41
CA SER B 207 16.93 14.95 16.44
C SER B 207 18.17 15.60 15.85
N LYS B 208 19.08 14.75 15.29
CA LYS B 208 20.27 15.20 14.60
C LYS B 208 19.85 16.08 13.39
N ASP B 209 18.84 15.64 12.65
CA ASP B 209 18.25 16.37 11.53
C ASP B 209 17.86 17.81 11.94
N VAL B 210 17.08 17.98 13.02
CA VAL B 210 16.67 19.30 13.53
C VAL B 210 17.90 20.12 13.90
N ALA B 211 18.84 19.51 14.64
CA ALA B 211 20.03 20.20 15.09
C ALA B 211 20.85 20.73 13.91
N LYS B 212 21.04 19.92 12.86
CA LYS B 212 21.81 20.30 11.67
C LYS B 212 21.13 21.42 10.88
N HIS B 213 19.79 21.40 10.85
CA HIS B 213 18.98 22.44 10.22
C HIS B 213 19.09 23.76 10.99
N LEU B 214 19.24 23.69 12.33
CA LEU B 214 19.45 24.87 13.14
C LEU B 214 20.90 25.41 13.13
N GLY B 215 21.76 24.82 12.30
CA GLY B 215 23.14 25.26 12.17
C GLY B 215 24.12 24.62 13.11
N PHE B 216 23.69 23.59 13.88
CA PHE B 216 24.56 22.89 14.83
C PHE B 216 25.28 21.73 14.14
N GLN B 217 26.56 21.53 14.47
CA GLN B 217 27.37 20.52 13.81
C GLN B 217 27.74 19.31 14.66
N SER B 218 27.30 19.27 15.91
CA SER B 218 27.53 18.14 16.81
C SER B 218 26.45 18.13 17.90
N ALA B 219 26.28 17.00 18.60
CA ALA B 219 25.32 16.90 19.70
C ALA B 219 25.71 17.89 20.83
N GLU B 220 27.02 18.11 21.05
CA GLU B 220 27.46 19.05 22.07
C GLU B 220 27.05 20.48 21.70
N GLU B 221 27.21 20.84 20.40
CA GLU B 221 26.86 22.17 19.91
C GLU B 221 25.37 22.40 20.07
N ALA B 222 24.54 21.40 19.73
CA ALA B 222 23.09 21.50 19.83
C ALA B 222 22.58 21.63 21.26
N LEU B 223 23.08 20.80 22.19
CA LEU B 223 22.64 20.85 23.56
C LEU B 223 23.02 22.19 24.25
N ARG B 224 24.26 22.67 24.07
CA ARG B 224 24.69 23.96 24.63
C ARG B 224 23.95 25.13 23.97
N GLY B 225 23.67 24.99 22.68
CA GLY B 225 22.99 26.01 21.89
C GLY B 225 21.50 26.13 22.12
N LEU B 226 20.83 25.01 22.51
CA LEU B 226 19.39 25.02 22.72
C LEU B 226 18.97 24.90 24.17
N TYR B 227 19.89 24.60 25.12
CA TYR B 227 19.50 24.40 26.52
C TYR B 227 18.71 25.58 27.11
N GLY B 228 19.07 26.80 26.74
CA GLY B 228 18.38 28.01 27.20
C GLY B 228 16.90 28.06 26.87
N ARG B 229 16.43 27.20 25.94
CA ARG B 229 15.03 27.11 25.52
C ARG B 229 14.21 26.12 26.37
N VAL B 230 14.86 25.24 27.18
CA VAL B 230 14.12 24.25 27.95
C VAL B 230 13.62 24.82 29.28
N ARG B 231 12.57 24.19 29.84
CA ARG B 231 12.00 24.62 31.11
C ARG B 231 12.96 24.30 32.28
N LYS B 232 12.80 25.01 33.43
CA LYS B 232 13.65 24.80 34.61
C LYS B 232 13.74 23.34 35.05
N GLY B 233 14.98 22.86 35.15
CA GLY B 233 15.29 21.51 35.59
C GLY B 233 15.15 20.42 34.57
N ALA B 234 14.85 20.76 33.29
CA ALA B 234 14.67 19.74 32.25
C ALA B 234 15.97 19.16 31.75
N VAL B 235 15.93 17.97 31.13
CA VAL B 235 17.08 17.28 30.53
C VAL B 235 16.88 17.31 29.02
N LEU B 236 17.86 17.78 28.26
CA LEU B 236 17.78 17.84 26.81
C LEU B 236 18.65 16.71 26.27
N VAL B 237 18.12 15.86 25.39
CA VAL B 237 18.82 14.70 24.83
C VAL B 237 18.99 14.80 23.33
N CYS B 238 20.17 14.46 22.83
CA CYS B 238 20.47 14.46 21.40
C CYS B 238 21.34 13.28 21.00
N ALA B 239 20.80 12.42 20.13
CA ALA B 239 21.50 11.25 19.58
C ALA B 239 22.11 11.63 18.26
N TRP B 240 23.30 11.10 17.96
CA TRP B 240 24.00 11.45 16.74
C TRP B 240 24.50 10.21 16.00
N ALA B 241 23.57 9.32 15.66
CA ALA B 241 23.81 8.11 14.91
C ALA B 241 25.09 7.31 15.45
N GLU B 242 26.12 6.93 14.64
CA GLU B 242 27.32 6.20 15.07
C GLU B 242 28.19 6.96 16.07
N GLU B 243 27.88 8.26 16.33
CA GLU B 243 28.69 9.01 17.31
C GLU B 243 28.12 8.97 18.76
N GLY B 244 27.14 8.08 18.99
CA GLY B 244 26.54 7.90 20.29
C GLY B 244 25.51 8.96 20.59
N ALA B 245 25.40 9.34 21.85
CA ALA B 245 24.38 10.30 22.25
C ALA B 245 24.77 11.11 23.47
N ASP B 246 24.22 12.32 23.55
CA ASP B 246 24.51 13.24 24.64
C ASP B 246 23.23 13.69 25.37
N ALA B 247 23.37 14.04 26.64
CA ALA B 247 22.28 14.59 27.46
C ALA B 247 22.84 15.76 28.31
N LEU B 248 21.98 16.71 28.65
CA LEU B 248 22.39 17.88 29.41
C LEU B 248 21.23 18.26 30.35
N GLY B 249 21.52 18.36 31.64
CA GLY B 249 20.53 18.73 32.63
C GLY B 249 20.90 20.02 33.36
N PRO B 250 20.12 20.36 34.40
CA PRO B 250 20.38 21.62 35.14
C PRO B 250 21.75 21.75 35.82
N ASP B 251 22.43 20.63 36.15
CA ASP B 251 23.77 20.70 36.74
C ASP B 251 24.85 21.25 35.77
N GLY B 252 24.49 21.40 34.48
CA GLY B 252 25.38 21.91 33.45
C GLY B 252 26.37 20.92 32.90
N LYS B 253 26.38 19.68 33.43
CA LYS B 253 27.33 18.68 33.01
C LYS B 253 26.87 17.97 31.75
N LEU B 254 27.65 18.10 30.66
CA LEU B 254 27.29 17.42 29.42
C LEU B 254 27.66 15.94 29.56
N LEU B 255 26.66 15.06 29.41
CA LEU B 255 26.85 13.63 29.52
C LEU B 255 26.91 13.00 28.13
N HIS B 256 27.75 11.99 27.97
CA HIS B 256 27.93 11.33 26.68
C HIS B 256 27.97 9.83 26.86
N SER B 257 27.50 9.14 25.84
CA SER B 257 27.62 7.70 25.75
C SER B 257 28.08 7.40 24.33
N ASP B 258 29.13 6.60 24.17
CA ASP B 258 29.55 6.15 22.85
C ASP B 258 28.46 5.20 22.32
N ALA B 259 28.40 5.03 21.00
CA ALA B 259 27.43 4.10 20.40
C ALA B 259 27.89 2.66 20.61
N PHE B 260 26.96 1.69 20.54
CA PHE B 260 27.29 0.27 20.63
C PHE B 260 26.87 -0.34 19.30
N PRO B 261 27.64 -0.06 18.23
CA PRO B 261 27.26 -0.58 16.90
C PRO B 261 27.21 -2.10 16.81
N PRO B 262 26.32 -2.62 15.96
CA PRO B 262 26.24 -4.07 15.78
C PRO B 262 27.35 -4.59 14.88
N PRO B 263 27.72 -5.91 15.01
CA PRO B 263 28.74 -6.48 14.12
C PRO B 263 28.46 -6.22 12.64
N ARG B 264 27.19 -6.23 12.25
CA ARG B 264 26.80 -5.90 10.89
C ARG B 264 25.55 -5.06 10.99
N VAL B 265 25.52 -3.90 10.33
CA VAL B 265 24.33 -3.04 10.32
C VAL B 265 23.40 -3.61 9.25
N VAL B 266 22.13 -3.87 9.61
CA VAL B 266 21.13 -4.47 8.74
C VAL B 266 19.93 -3.52 8.50
N ASP B 267 19.42 -2.91 9.56
CA ASP B 267 18.23 -2.08 9.47
C ASP B 267 18.20 -0.98 10.51
N THR B 268 18.33 0.29 10.08
CA THR B 268 18.29 1.43 11.00
C THR B 268 16.91 2.11 11.09
N LEU B 269 15.90 1.60 10.38
CA LEU B 269 14.57 2.20 10.40
C LEU B 269 13.95 2.06 11.79
N GLY B 270 13.71 3.19 12.45
CA GLY B 270 13.13 3.20 13.78
C GLY B 270 14.17 3.15 14.89
N ALA B 271 15.46 3.41 14.58
CA ALA B 271 16.54 3.41 15.58
C ALA B 271 16.38 4.56 16.57
N GLY B 272 15.90 5.70 16.09
CA GLY B 272 15.64 6.86 16.91
C GLY B 272 14.55 6.59 17.93
N ASP B 273 13.48 5.95 17.46
CA ASP B 273 12.31 5.54 18.25
C ASP B 273 12.68 4.49 19.30
N THR B 274 13.65 3.61 18.98
CA THR B 274 14.20 2.59 19.89
C THR B 274 15.03 3.28 20.98
N PHE B 275 15.84 4.28 20.59
CA PHE B 275 16.65 5.04 21.51
C PHE B 275 15.72 5.80 22.47
N ASN B 276 14.73 6.51 21.93
CA ASN B 276 13.79 7.29 22.70
C ASN B 276 13.03 6.45 23.71
N ALA B 277 12.50 5.31 23.28
CA ALA B 277 11.74 4.45 24.18
C ALA B 277 12.61 3.86 25.27
N SER B 278 13.88 3.54 24.96
CA SER B 278 14.81 2.94 25.91
C SER B 278 15.26 3.92 26.95
N VAL B 279 15.48 5.21 26.57
CA VAL B 279 15.87 6.25 27.53
C VAL B 279 14.68 6.52 28.46
N ILE B 280 13.46 6.62 27.88
CA ILE B 280 12.22 6.81 28.65
C ILE B 280 12.05 5.67 29.65
N PHE B 281 12.18 4.42 29.17
CA PHE B 281 12.05 3.23 30.00
C PHE B 281 13.00 3.25 31.20
N SER B 282 14.29 3.50 30.97
CA SER B 282 15.33 3.52 31.99
C SER B 282 15.06 4.59 33.05
N LEU B 283 14.70 5.81 32.62
CA LEU B 283 14.38 6.89 33.55
C LEU B 283 13.12 6.55 34.33
N SER B 284 12.12 5.96 33.68
CA SER B 284 10.88 5.55 34.36
C SER B 284 11.14 4.46 35.40
N GLN B 285 12.24 3.70 35.31
CA GLN B 285 12.60 2.68 36.28
C GLN B 285 13.44 3.23 37.46
N GLY B 286 13.68 4.53 37.52
CA GLY B 286 14.48 5.13 38.59
C GLY B 286 15.96 5.22 38.34
N ARG B 287 16.40 4.89 37.11
CA ARG B 287 17.81 4.93 36.74
C ARG B 287 18.27 6.39 36.53
N SER B 288 19.58 6.64 36.54
CA SER B 288 20.14 7.98 36.34
C SER B 288 20.15 8.35 34.84
N VAL B 289 20.37 9.63 34.52
CA VAL B 289 20.45 10.11 33.13
C VAL B 289 21.62 9.44 32.42
N GLN B 290 22.78 9.34 33.07
CA GLN B 290 23.96 8.69 32.47
C GLN B 290 23.66 7.23 32.14
N GLU B 291 23.00 6.51 33.07
CA GLU B 291 22.61 5.12 32.88
C GLU B 291 21.58 4.96 31.72
N ALA B 292 20.59 5.86 31.67
CA ALA B 292 19.55 5.84 30.64
C ALA B 292 20.09 6.13 29.25
N LEU B 293 21.10 7.02 29.17
CA LEU B 293 21.79 7.37 27.94
C LEU B 293 22.53 6.15 27.40
N ARG B 294 23.27 5.43 28.27
CA ARG B 294 24.01 4.24 27.89
C ARG B 294 23.07 3.18 27.39
N PHE B 295 21.98 2.95 28.16
CA PHE B 295 20.95 1.97 27.87
C PHE B 295 20.28 2.25 26.51
N GLY B 296 20.01 3.52 26.21
CA GLY B 296 19.42 3.91 24.93
C GLY B 296 20.31 3.55 23.77
N CYS B 297 21.65 3.80 23.91
CA CYS B 297 22.62 3.45 22.86
C CYS B 297 22.74 1.94 22.72
N GLN B 298 22.73 1.22 23.84
CA GLN B 298 22.83 -0.23 23.81
C GLN B 298 21.64 -0.88 23.09
N VAL B 299 20.39 -0.46 23.41
CA VAL B 299 19.21 -1.02 22.75
C VAL B 299 19.11 -0.62 21.28
N ALA B 300 19.25 0.67 20.94
CA ALA B 300 19.21 1.09 19.54
C ALA B 300 20.40 0.54 18.72
N GLY B 301 21.52 0.28 19.37
CA GLY B 301 22.68 -0.32 18.70
C GLY B 301 22.39 -1.76 18.32
N LYS B 302 21.73 -2.51 19.21
CA LYS B 302 21.33 -3.89 18.96
C LYS B 302 20.25 -3.93 17.87
N LYS B 303 19.31 -2.95 17.87
CA LYS B 303 18.27 -2.89 16.85
C LYS B 303 18.85 -2.76 15.45
N CYS B 304 19.88 -1.91 15.30
CA CYS B 304 20.52 -1.67 14.01
C CYS B 304 21.04 -2.93 13.35
N GLY B 305 21.36 -3.95 14.13
CA GLY B 305 21.84 -5.22 13.59
C GLY B 305 20.77 -6.27 13.39
N LEU B 306 19.50 -5.87 13.45
CA LEU B 306 18.35 -6.75 13.30
C LEU B 306 17.31 -6.21 12.36
N GLN B 307 16.55 -7.09 11.72
CA GLN B 307 15.43 -6.66 10.88
C GLN B 307 14.20 -6.47 11.78
N GLY B 308 13.67 -5.26 11.82
CA GLY B 308 12.53 -4.96 12.68
C GLY B 308 12.91 -4.85 14.14
N PHE B 309 11.95 -5.12 15.04
CA PHE B 309 12.18 -5.01 16.46
C PHE B 309 12.30 -6.35 17.22
N ASP B 310 12.07 -7.49 16.58
CA ASP B 310 12.20 -8.80 17.25
C ASP B 310 13.65 -9.07 17.61
N GLY B 311 13.91 -9.41 18.87
CA GLY B 311 15.27 -9.72 19.29
C GLY B 311 15.99 -8.62 20.04
N ILE B 312 15.31 -7.49 20.26
CA ILE B 312 15.79 -6.31 20.97
C ILE B 312 16.12 -6.62 22.44
N VAL B 313 15.38 -7.63 23.03
CA VAL B 313 15.43 -8.28 24.36
C VAL B 313 14.90 -7.40 25.52
#